data_5UXZ
#
_entry.id   5UXZ
#
_cell.length_a   49.939
_cell.length_b   69.124
_cell.length_c   83.904
_cell.angle_alpha   90.000
_cell.angle_beta   94.670
_cell.angle_gamma   90.000
#
_symmetry.space_group_name_H-M   'P 1 21 1'
#
loop_
_entity.id
_entity.type
_entity.pdbx_description
1 polymer 'Haloalkane dehalogenase'
2 non-polymer N~2~-{[7-(dimethylamino)-2,1,3-benzothiadiazol-4-yl]sulfonyl}-N-hexyl-N~2~-methylglycinamide
3 non-polymer 'CHLORIDE ION'
4 non-polymer 1,2-ETHANEDIOL
5 water water
#
_entity_poly.entity_id   1
_entity_poly.type   'polypeptide(L)'
_entity_poly.pdbx_seq_one_letter_code
;IGTGFPFDPHYVEVLGERMHYVDVGPRDGTPVLFLHGNPTSSYVWRNIIPHVAPTHRCIAPDLIGMGKSDKPDLGYFFDD
HVRFMDAFIEALGLEEVVLVIHDWGSALGFHWAKRNPERVKGIAFMEFIRPIPTWDEWPEFARETFQAFRTTDVGRKLII
DQNVFIEGTLPMGVVRPLTEVEMDHYREPFLNPVDREPLWRFPNELPIAGEPANIVALVEEYMDWLHQSPVPKLLFWGTP
GVLIPPAEAARLAKSLPNCKAVDIGPGLNLLQEDNPDLIGSEIARWLSTLEISGLEISGLEHHHHHH
;
_entity_poly.pdbx_strand_id   A,B
#
# COMPACT_ATOMS: atom_id res chain seq x y z
N ILE A 1 -1.50 11.12 11.69
CA ILE A 1 -2.90 10.93 11.20
C ILE A 1 -3.70 12.21 11.43
N GLY A 2 -4.29 12.72 10.36
CA GLY A 2 -5.01 14.01 10.41
C GLY A 2 -6.25 13.96 11.29
N THR A 3 -6.46 15.03 12.05
CA THR A 3 -7.63 15.16 12.94
C THR A 3 -8.68 16.13 12.38
N GLY A 4 -8.30 16.93 11.39
CA GLY A 4 -9.21 17.92 10.82
C GLY A 4 -10.18 17.31 9.81
N PHE A 5 -11.20 18.09 9.48
CA PHE A 5 -12.21 17.69 8.49
C PHE A 5 -12.36 18.82 7.47
N PRO A 6 -11.41 18.91 6.52
CA PRO A 6 -11.42 19.99 5.53
C PRO A 6 -12.24 19.64 4.29
N PHE A 7 -13.54 19.45 4.48
CA PHE A 7 -14.45 19.16 3.38
C PHE A 7 -15.65 20.09 3.49
N ASP A 8 -15.96 20.80 2.41
CA ASP A 8 -17.13 21.68 2.38
C ASP A 8 -18.42 20.86 2.48
N PRO A 9 -19.47 21.45 3.07
CA PRO A 9 -20.74 20.73 3.19
C PRO A 9 -21.52 20.69 1.88
N HIS A 10 -22.04 19.52 1.55
CA HIS A 10 -23.04 19.38 0.49
C HIS A 10 -24.29 18.76 1.10
N TYR A 11 -25.45 19.19 0.64
CA TYR A 11 -26.74 18.73 1.16
C TYR A 11 -27.66 18.36 0.02
N VAL A 12 -28.54 17.40 0.26
CA VAL A 12 -29.58 17.03 -0.68
C VAL A 12 -30.83 16.59 0.08
N GLU A 13 -32.01 16.89 -0.48
CA GLU A 13 -33.27 16.50 0.13
C GLU A 13 -33.56 15.03 -0.19
N VAL A 14 -33.85 14.26 0.86
CA VAL A 14 -34.08 12.82 0.73
C VAL A 14 -35.26 12.40 1.62
N LEU A 15 -36.33 11.95 0.98
CA LEU A 15 -37.58 11.59 1.69
C LEU A 15 -38.01 12.65 2.70
N GLY A 16 -37.93 13.92 2.28
CA GLY A 16 -38.37 15.04 3.10
C GLY A 16 -37.37 15.55 4.14
N GLU A 17 -36.20 14.92 4.21
CA GLU A 17 -35.16 15.30 5.18
C GLU A 17 -33.88 15.70 4.45
N ARG A 18 -33.02 16.44 5.13
CA ARG A 18 -31.76 16.91 4.57
C ARG A 18 -30.61 15.98 5.01
N MET A 19 -29.84 15.48 4.04
CA MET A 19 -28.70 14.61 4.32
C MET A 19 -27.39 15.26 3.87
N HIS A 20 -26.43 15.30 4.77
CA HIS A 20 -25.10 15.87 4.50
C HIS A 20 -24.19 14.82 3.88
N TYR A 21 -23.33 15.25 2.96
CA TYR A 21 -22.33 14.37 2.37
C TYR A 21 -21.09 15.13 1.91
N VAL A 22 -19.95 14.44 1.96
CA VAL A 22 -18.73 14.92 1.35
C VAL A 22 -18.83 14.60 -0.13
N ASP A 23 -18.37 15.53 -0.97
CA ASP A 23 -18.38 15.33 -2.41
C ASP A 23 -17.20 16.06 -3.03
N VAL A 24 -16.17 15.32 -3.42
CA VAL A 24 -14.94 15.89 -3.98
C VAL A 24 -14.41 15.02 -5.11
N GLY A 25 -13.61 15.61 -5.98
CA GLY A 25 -13.00 14.89 -7.10
C GLY A 25 -13.78 15.07 -8.40
N PRO A 26 -13.21 14.57 -9.51
CA PRO A 26 -13.71 14.80 -10.86
C PRO A 26 -15.01 14.06 -11.18
N ARG A 27 -15.93 14.73 -11.88
CA ARG A 27 -17.22 14.15 -12.25
C ARG A 27 -17.13 13.15 -13.41
N ASP A 28 -16.11 13.28 -14.25
CA ASP A 28 -16.02 12.50 -15.49
C ASP A 28 -15.46 11.09 -15.29
N GLY A 29 -16.21 10.24 -14.59
CA GLY A 29 -15.78 8.88 -14.31
C GLY A 29 -16.78 8.11 -13.45
N THR A 30 -16.29 7.10 -12.75
CA THR A 30 -17.11 6.31 -11.84
C THR A 30 -16.92 6.80 -10.41
N PRO A 31 -18.01 7.22 -9.75
CA PRO A 31 -17.88 7.69 -8.36
C PRO A 31 -17.68 6.56 -7.35
N VAL A 32 -16.99 6.89 -6.25
CA VAL A 32 -16.76 5.96 -5.16
C VAL A 32 -17.64 6.38 -3.98
N LEU A 33 -18.53 5.49 -3.55
CA LEU A 33 -19.48 5.78 -2.46
C LEU A 33 -18.99 5.17 -1.13
N PHE A 34 -18.72 6.02 -0.15
CA PHE A 34 -18.21 5.61 1.16
C PHE A 34 -19.34 5.58 2.19
N LEU A 35 -19.60 4.42 2.80
CA LEU A 35 -20.67 4.30 3.79
C LEU A 35 -20.15 3.91 5.18
N HIS A 36 -20.32 4.83 6.12
CA HIS A 36 -19.89 4.61 7.51
C HIS A 36 -20.96 3.83 8.29
N GLY A 37 -20.66 3.55 9.55
CA GLY A 37 -21.59 2.85 10.44
C GLY A 37 -21.72 3.50 11.80
N ASN A 38 -21.96 2.67 12.82
CA ASN A 38 -22.20 3.14 14.19
C ASN A 38 -20.90 3.13 14.99
N PRO A 39 -20.58 4.23 15.71
CA PRO A 39 -21.28 5.50 15.89
C PRO A 39 -20.53 6.63 15.17
N THR A 40 -20.18 6.40 13.91
CA THR A 40 -19.27 7.28 13.21
C THR A 40 -20.03 8.21 12.25
N SER A 41 -19.28 8.83 11.34
CA SER A 41 -19.85 9.64 10.27
C SER A 41 -18.88 9.61 9.10
N SER A 42 -19.07 10.49 8.11
CA SER A 42 -18.11 10.66 7.02
C SER A 42 -16.70 11.04 7.54
N TYR A 43 -16.64 11.53 8.78
CA TYR A 43 -15.37 11.77 9.46
C TYR A 43 -14.44 10.55 9.46
N VAL A 44 -15.02 9.35 9.52
CA VAL A 44 -14.22 8.11 9.54
C VAL A 44 -13.42 7.88 8.24
N TRP A 45 -13.87 8.50 7.13
CA TRP A 45 -13.20 8.40 5.84
C TRP A 45 -12.25 9.57 5.52
N ARG A 46 -12.11 10.52 6.44
CA ARG A 46 -11.40 11.77 6.19
C ARG A 46 -9.95 11.59 5.71
N ASN A 47 -9.27 10.55 6.19
CA ASN A 47 -7.88 10.29 5.83
C ASN A 47 -7.72 9.27 4.70
N ILE A 48 -8.85 8.76 4.21
CA ILE A 48 -8.87 7.78 3.13
C ILE A 48 -9.28 8.42 1.80
N ILE A 49 -10.25 9.33 1.85
CA ILE A 49 -10.75 10.04 0.66
C ILE A 49 -9.65 10.81 -0.12
N PRO A 50 -8.74 11.50 0.59
CA PRO A 50 -7.69 12.26 -0.11
C PRO A 50 -6.75 11.41 -0.99
N HIS A 51 -6.69 10.11 -0.76
CA HIS A 51 -5.92 9.19 -1.60
C HIS A 51 -6.65 8.80 -2.88
N VAL A 52 -7.98 8.87 -2.86
CA VAL A 52 -8.83 8.48 -4.00
C VAL A 52 -9.32 9.69 -4.80
N ALA A 53 -9.52 10.82 -4.13
CA ALA A 53 -10.11 12.02 -4.75
C ALA A 53 -9.38 12.56 -5.98
N PRO A 54 -8.04 12.46 -6.01
CA PRO A 54 -7.33 12.98 -7.19
C PRO A 54 -7.78 12.39 -8.53
N THR A 55 -8.19 11.12 -8.55
CA THR A 55 -8.61 10.44 -9.78
C THR A 55 -10.09 10.09 -9.87
N HIS A 56 -10.77 9.88 -8.74
CA HIS A 56 -12.18 9.49 -8.73
C HIS A 56 -13.04 10.38 -7.84
N ARG A 57 -14.31 10.51 -8.19
CA ARG A 57 -15.27 11.25 -7.37
C ARG A 57 -15.54 10.47 -6.10
N CYS A 58 -15.41 11.13 -4.95
CA CYS A 58 -15.65 10.49 -3.66
C CYS A 58 -16.91 11.07 -3.04
N ILE A 59 -17.87 10.20 -2.72
CA ILE A 59 -19.13 10.60 -2.11
C ILE A 59 -19.23 9.88 -0.77
N ALA A 60 -19.34 10.64 0.32
CA ALA A 60 -19.41 10.07 1.66
C ALA A 60 -20.55 10.71 2.48
N PRO A 61 -21.74 10.10 2.43
CA PRO A 61 -22.88 10.65 3.17
C PRO A 61 -22.84 10.36 4.66
N ASP A 62 -23.51 11.21 5.43
CA ASP A 62 -23.83 10.92 6.81
C ASP A 62 -25.23 10.29 6.85
N LEU A 63 -25.32 9.05 7.32
CA LEU A 63 -26.60 8.38 7.54
C LEU A 63 -27.58 9.28 8.27
N ILE A 64 -28.87 9.15 7.95
CA ILE A 64 -29.91 9.92 8.59
C ILE A 64 -29.82 9.78 10.12
N GLY A 65 -29.91 10.91 10.82
CA GLY A 65 -29.81 10.93 12.28
C GLY A 65 -28.39 10.97 12.82
N MET A 66 -27.40 11.03 11.92
CA MET A 66 -26.00 11.00 12.32
C MET A 66 -25.21 12.08 11.59
N GLY A 67 -23.99 12.33 12.05
CA GLY A 67 -23.13 13.37 11.48
C GLY A 67 -23.82 14.71 11.46
N LYS A 68 -23.79 15.37 10.30
CA LYS A 68 -24.46 16.67 10.11
C LYS A 68 -25.82 16.54 9.40
N SER A 69 -26.26 15.32 9.14
CA SER A 69 -27.59 15.10 8.56
C SER A 69 -28.68 15.37 9.58
N ASP A 70 -29.90 15.58 9.09
CA ASP A 70 -31.04 15.88 9.98
C ASP A 70 -31.37 14.71 10.89
N LYS A 71 -32.03 15.02 12.00
CA LYS A 71 -32.29 14.06 13.06
C LYS A 71 -33.77 14.05 13.43
N PRO A 72 -34.61 13.46 12.55
CA PRO A 72 -36.04 13.38 12.82
C PRO A 72 -36.37 12.35 13.88
N ASP A 73 -37.50 12.54 14.57
CA ASP A 73 -37.92 11.62 15.63
C ASP A 73 -38.40 10.31 15.00
N LEU A 74 -37.45 9.40 14.76
CA LEU A 74 -37.74 8.10 14.18
C LEU A 74 -37.18 6.98 15.08
N GLY A 75 -37.53 5.75 14.75
CA GLY A 75 -37.01 4.58 15.45
C GLY A 75 -35.60 4.21 15.01
N TYR A 76 -35.25 4.63 13.79
CA TYR A 76 -33.93 4.39 13.20
C TYR A 76 -33.58 2.90 13.09
N PHE A 77 -34.57 2.09 12.70
CA PHE A 77 -34.33 0.68 12.41
C PHE A 77 -33.52 0.57 11.12
N PHE A 78 -33.03 -0.63 10.81
CA PHE A 78 -32.20 -0.82 9.62
C PHE A 78 -32.96 -0.46 8.35
N ASP A 79 -34.23 -0.84 8.27
CA ASP A 79 -35.06 -0.55 7.10
C ASP A 79 -35.22 0.96 6.88
N ASP A 80 -35.21 1.73 7.97
CA ASP A 80 -35.29 3.19 7.88
C ASP A 80 -34.06 3.76 7.19
N HIS A 81 -32.88 3.26 7.55
CA HIS A 81 -31.63 3.65 6.89
C HIS A 81 -31.58 3.20 5.43
N VAL A 82 -32.03 1.97 5.17
CA VAL A 82 -32.10 1.43 3.81
C VAL A 82 -32.91 2.34 2.89
N ARG A 83 -34.03 2.83 3.41
CA ARG A 83 -34.93 3.72 2.67
C ARG A 83 -34.28 5.08 2.36
N PHE A 84 -33.66 5.69 3.36
CA PHE A 84 -33.00 6.99 3.18
C PHE A 84 -31.78 6.89 2.24
N MET A 85 -31.00 5.82 2.38
CA MET A 85 -29.82 5.64 1.54
C MET A 85 -30.22 5.32 0.09
N ASP A 86 -31.29 4.56 -0.10
CA ASP A 86 -31.85 4.32 -1.43
C ASP A 86 -32.16 5.65 -2.12
N ALA A 87 -32.92 6.50 -1.44
CA ALA A 87 -33.34 7.77 -1.99
C ALA A 87 -32.19 8.77 -2.12
N PHE A 88 -31.17 8.65 -1.27
CA PHE A 88 -29.96 9.46 -1.39
C PHE A 88 -29.21 9.13 -2.68
N ILE A 89 -29.05 7.85 -2.96
CA ILE A 89 -28.34 7.38 -4.16
C ILE A 89 -29.08 7.81 -5.43
N GLU A 90 -30.41 7.78 -5.40
CA GLU A 90 -31.21 8.22 -6.54
C GLU A 90 -31.26 9.75 -6.66
N ALA A 91 -31.25 10.45 -5.53
CA ALA A 91 -31.22 11.91 -5.52
C ALA A 91 -29.96 12.47 -6.17
N LEU A 92 -28.82 11.80 -5.97
CA LEU A 92 -27.57 12.20 -6.60
C LEU A 92 -27.48 11.79 -8.08
N GLY A 93 -28.41 10.95 -8.54
CA GLY A 93 -28.47 10.53 -9.93
C GLY A 93 -27.30 9.63 -10.29
N LEU A 94 -26.93 8.75 -9.36
CA LEU A 94 -25.81 7.85 -9.54
C LEU A 94 -26.26 6.64 -10.35
N GLU A 95 -25.49 6.30 -11.37
CA GLU A 95 -25.75 5.11 -12.17
C GLU A 95 -24.89 3.96 -11.64
N GLU A 96 -23.62 3.91 -12.06
CA GLU A 96 -22.70 2.87 -11.60
C GLU A 96 -21.76 3.42 -10.53
N VAL A 97 -21.52 2.63 -9.48
CA VAL A 97 -20.71 3.07 -8.34
C VAL A 97 -19.73 2.00 -7.89
N VAL A 98 -18.65 2.42 -7.25
CA VAL A 98 -17.81 1.53 -6.45
C VAL A 98 -18.17 1.79 -4.99
N LEU A 99 -18.36 0.72 -4.23
CA LEU A 99 -18.71 0.83 -2.82
C LEU A 99 -17.48 0.68 -1.93
N VAL A 100 -17.38 1.54 -0.91
CA VAL A 100 -16.38 1.42 0.16
C VAL A 100 -17.16 1.48 1.47
N ILE A 101 -17.24 0.36 2.18
CA ILE A 101 -18.23 0.20 3.25
C ILE A 101 -17.69 -0.44 4.53
N HIS A 102 -18.28 -0.07 5.65
CA HIS A 102 -17.78 -0.44 6.98
C HIS A 102 -18.90 -0.55 8.00
N ASP A 103 -18.86 -1.59 8.84
CA ASP A 103 -19.82 -1.77 9.92
C ASP A 103 -21.26 -1.74 9.35
N TRP A 104 -22.17 -0.93 9.91
CA TRP A 104 -23.54 -0.89 9.43
C TRP A 104 -23.65 -0.30 8.01
N GLY A 105 -22.63 0.43 7.58
CA GLY A 105 -22.52 0.85 6.19
C GLY A 105 -22.38 -0.33 5.23
N SER A 106 -21.71 -1.38 5.68
CA SER A 106 -21.55 -2.60 4.89
C SER A 106 -22.89 -3.31 4.68
N ALA A 107 -23.70 -3.38 5.72
CA ALA A 107 -25.05 -3.92 5.63
C ALA A 107 -25.85 -3.17 4.56
N LEU A 108 -25.80 -1.84 4.60
CA LEU A 108 -26.50 -1.01 3.60
C LEU A 108 -25.90 -1.22 2.20
N GLY A 109 -24.58 -1.22 2.11
CA GLY A 109 -23.89 -1.37 0.83
C GLY A 109 -24.12 -2.72 0.17
N PHE A 110 -24.01 -3.79 0.94
CA PHE A 110 -24.24 -5.14 0.40
C PHE A 110 -25.70 -5.36 0.03
N HIS A 111 -26.61 -4.89 0.88
CA HIS A 111 -28.05 -4.99 0.62
C HIS A 111 -28.47 -4.20 -0.62
N TRP A 112 -27.77 -3.11 -0.91
CA TRP A 112 -28.01 -2.34 -2.12
C TRP A 112 -27.42 -3.04 -3.34
N ALA A 113 -26.19 -3.54 -3.20
CA ALA A 113 -25.51 -4.23 -4.28
C ALA A 113 -26.25 -5.50 -4.72
N LYS A 114 -26.83 -6.20 -3.75
CA LYS A 114 -27.67 -7.36 -4.04
C LYS A 114 -28.83 -6.99 -4.96
N ARG A 115 -29.55 -5.93 -4.61
CA ARG A 115 -30.73 -5.49 -5.36
C ARG A 115 -30.38 -4.74 -6.65
N ASN A 116 -29.17 -4.19 -6.73
CA ASN A 116 -28.70 -3.45 -7.90
C ASN A 116 -27.31 -3.92 -8.35
N PRO A 117 -27.20 -5.21 -8.76
CA PRO A 117 -25.90 -5.81 -9.06
C PRO A 117 -25.21 -5.25 -10.31
N GLU A 118 -26.00 -4.84 -11.31
CA GLU A 118 -25.46 -4.27 -12.55
C GLU A 118 -24.79 -2.91 -12.31
N ARG A 119 -25.22 -2.20 -11.26
CA ARG A 119 -24.72 -0.86 -10.95
C ARG A 119 -23.50 -0.83 -10.01
N VAL A 120 -22.96 -1.99 -9.66
CA VAL A 120 -21.80 -2.06 -8.75
C VAL A 120 -20.58 -2.64 -9.46
N LYS A 121 -19.59 -1.79 -9.74
CA LYS A 121 -18.36 -2.21 -10.42
C LYS A 121 -17.26 -2.64 -9.44
N GLY A 122 -17.47 -2.44 -8.15
CA GLY A 122 -16.48 -2.85 -7.15
C GLY A 122 -16.98 -2.65 -5.72
N ILE A 123 -16.48 -3.49 -4.80
CA ILE A 123 -16.83 -3.37 -3.38
C ILE A 123 -15.59 -3.55 -2.51
N ALA A 124 -15.13 -2.46 -1.90
CA ALA A 124 -14.12 -2.51 -0.86
C ALA A 124 -14.82 -2.54 0.49
N PHE A 125 -14.49 -3.50 1.33
CA PHE A 125 -15.15 -3.66 2.62
C PHE A 125 -14.19 -4.01 3.75
N MET A 126 -14.64 -3.76 4.97
CA MET A 126 -13.82 -3.96 6.17
C MET A 126 -14.72 -4.02 7.39
N GLU A 127 -14.39 -4.91 8.33
CA GLU A 127 -15.12 -5.02 9.60
C GLU A 127 -16.63 -4.87 9.40
N PHE A 128 -17.19 -5.82 8.65
CA PHE A 128 -18.56 -5.71 8.15
C PHE A 128 -19.52 -6.58 8.96
N ILE A 129 -20.81 -6.37 8.73
CA ILE A 129 -21.87 -7.07 9.48
C ILE A 129 -22.09 -8.47 8.91
N ARG A 130 -22.02 -9.46 9.79
CA ARG A 130 -22.37 -10.85 9.46
C ARG A 130 -23.15 -11.43 10.64
N PRO A 131 -23.81 -12.60 10.43
CA PRO A 131 -24.55 -13.20 11.54
C PRO A 131 -23.60 -13.79 12.59
N ILE A 132 -23.88 -13.51 13.87
CA ILE A 132 -23.08 -14.03 14.98
C ILE A 132 -23.87 -15.16 15.67
N PRO A 133 -23.40 -16.41 15.53
CA PRO A 133 -24.09 -17.58 16.07
C PRO A 133 -24.43 -17.57 17.57
N THR A 134 -23.48 -17.15 18.42
CA THR A 134 -23.66 -17.27 19.87
C THR A 134 -23.08 -16.10 20.67
N TRP A 135 -23.55 -15.97 21.91
CA TRP A 135 -23.01 -15.00 22.86
C TRP A 135 -21.74 -15.49 23.54
N ASP A 136 -21.66 -16.80 23.78
CA ASP A 136 -20.53 -17.40 24.51
C ASP A 136 -19.15 -17.09 23.92
N GLU A 137 -19.08 -16.94 22.60
CA GLU A 137 -17.81 -16.61 21.92
C GLU A 137 -17.30 -15.19 22.21
N TRP A 138 -18.19 -14.31 22.66
CA TRP A 138 -17.82 -12.93 23.00
C TRP A 138 -16.85 -12.90 24.19
N PRO A 139 -15.91 -11.93 24.19
CA PRO A 139 -15.12 -11.70 25.40
C PRO A 139 -15.98 -11.34 26.61
N GLU A 140 -15.49 -11.65 27.80
CA GLU A 140 -16.27 -11.56 29.04
C GLU A 140 -17.10 -10.27 29.16
N PHE A 141 -16.44 -9.13 29.16
CA PHE A 141 -17.10 -7.85 29.41
C PHE A 141 -17.86 -7.33 28.20
N ALA A 142 -17.34 -7.59 26.99
CA ALA A 142 -18.03 -7.23 25.76
C ALA A 142 -19.40 -7.91 25.67
N ARG A 143 -19.46 -9.16 26.12
CA ARG A 143 -20.72 -9.90 26.24
C ARG A 143 -21.67 -9.18 27.20
N GLU A 144 -21.19 -8.87 28.39
CA GLU A 144 -21.99 -8.19 29.42
C GLU A 144 -22.47 -6.82 28.95
N THR A 145 -21.59 -6.09 28.25
CA THR A 145 -21.88 -4.74 27.80
C THR A 145 -22.96 -4.70 26.71
N PHE A 146 -22.85 -5.56 25.71
CA PHE A 146 -23.79 -5.55 24.58
C PHE A 146 -25.14 -6.20 24.89
N GLN A 147 -25.15 -7.19 25.80
CA GLN A 147 -26.40 -7.72 26.33
C GLN A 147 -27.14 -6.62 27.08
N ALA A 148 -26.40 -5.80 27.83
CA ALA A 148 -26.96 -4.65 28.53
C ALA A 148 -27.47 -3.59 27.54
N PHE A 149 -26.69 -3.31 26.50
CA PHE A 149 -27.11 -2.40 25.44
C PHE A 149 -28.42 -2.85 24.81
N ARG A 150 -28.59 -4.15 24.65
CA ARG A 150 -29.80 -4.71 24.04
C ARG A 150 -30.96 -4.83 25.05
N THR A 151 -31.14 -3.80 25.86
CA THR A 151 -32.30 -3.67 26.77
C THR A 151 -32.82 -2.23 26.70
N THR A 152 -34.01 -2.01 27.24
CA THR A 152 -34.63 -0.68 27.24
C THR A 152 -34.39 0.08 28.55
N ASP A 153 -34.01 -0.63 29.61
CA ASP A 153 -33.82 -0.02 30.93
C ASP A 153 -32.38 0.43 31.10
N VAL A 154 -31.46 -0.53 31.04
CA VAL A 154 -30.04 -0.30 31.28
C VAL A 154 -29.39 0.28 30.02
N GLY A 155 -29.63 -0.37 28.89
CA GLY A 155 -29.07 0.03 27.61
C GLY A 155 -29.32 1.49 27.24
N ARG A 156 -30.51 2.00 27.56
CA ARG A 156 -30.83 3.40 27.29
C ARG A 156 -30.13 4.34 28.26
N LYS A 157 -30.08 3.98 29.54
CA LYS A 157 -29.33 4.78 30.51
C LYS A 157 -27.84 4.82 30.16
N LEU A 158 -27.32 3.72 29.63
CA LEU A 158 -25.91 3.66 29.22
C LEU A 158 -25.66 4.50 27.97
N ILE A 159 -26.40 4.22 26.90
CA ILE A 159 -26.16 4.84 25.59
C ILE A 159 -26.79 6.24 25.45
N ILE A 160 -28.03 6.40 25.90
CA ILE A 160 -28.74 7.67 25.74
C ILE A 160 -28.30 8.68 26.80
N ASP A 161 -28.46 8.33 28.07
CA ASP A 161 -28.19 9.26 29.17
C ASP A 161 -26.69 9.47 29.44
N GLN A 162 -25.93 8.39 29.50
CA GLN A 162 -24.49 8.47 29.82
C GLN A 162 -23.59 8.59 28.59
N ASN A 163 -24.11 8.23 27.41
CA ASN A 163 -23.37 8.36 26.14
C ASN A 163 -22.12 7.47 26.09
N VAL A 164 -22.24 6.25 26.59
CA VAL A 164 -21.08 5.34 26.68
C VAL A 164 -20.64 4.79 25.33
N PHE A 165 -21.54 4.75 24.35
CA PHE A 165 -21.20 4.23 23.03
C PHE A 165 -20.20 5.16 22.34
N ILE A 166 -20.38 6.46 22.54
CA ILE A 166 -19.43 7.46 22.05
C ILE A 166 -18.21 7.54 22.98
N GLU A 167 -18.45 7.68 24.28
CA GLU A 167 -17.38 7.92 25.25
C GLU A 167 -16.51 6.68 25.55
N GLY A 168 -17.04 5.49 25.31
CA GLY A 168 -16.35 4.24 25.66
C GLY A 168 -16.20 3.27 24.51
N THR A 169 -17.33 2.83 23.95
CA THR A 169 -17.32 1.82 22.89
C THR A 169 -16.54 2.26 21.65
N LEU A 170 -16.72 3.51 21.24
CA LEU A 170 -16.04 4.04 20.06
C LEU A 170 -14.50 3.96 20.15
N PRO A 171 -13.89 4.62 21.16
CA PRO A 171 -12.42 4.59 21.25
C PRO A 171 -11.85 3.20 21.57
N MET A 172 -12.66 2.33 22.18
CA MET A 172 -12.24 0.95 22.42
C MET A 172 -12.12 0.14 21.13
N GLY A 173 -12.74 0.64 20.05
CA GLY A 173 -12.61 0.03 18.72
C GLY A 173 -11.43 0.52 17.89
N VAL A 174 -10.57 1.34 18.47
CA VAL A 174 -9.35 1.81 17.80
C VAL A 174 -8.14 1.33 18.62
N VAL A 175 -7.17 0.71 17.96
CA VAL A 175 -5.96 0.22 18.62
C VAL A 175 -5.11 1.37 19.17
N ARG A 176 -4.84 2.38 18.35
CA ARG A 176 -4.10 3.56 18.80
C ARG A 176 -5.01 4.41 19.69
N PRO A 177 -4.42 5.29 20.51
CA PRO A 177 -5.23 6.17 21.36
C PRO A 177 -5.85 7.32 20.57
N LEU A 178 -7.17 7.31 20.39
CA LEU A 178 -7.89 8.42 19.77
C LEU A 178 -7.69 9.69 20.59
N THR A 179 -7.33 10.79 19.92
CA THR A 179 -7.13 12.07 20.59
C THR A 179 -8.46 12.70 20.97
N GLU A 180 -8.42 13.68 21.87
CA GLU A 180 -9.61 14.39 22.32
C GLU A 180 -10.23 15.22 21.20
N VAL A 181 -9.40 15.70 20.27
CA VAL A 181 -9.87 16.45 19.10
C VAL A 181 -10.69 15.53 18.20
N GLU A 182 -10.17 14.31 17.98
CA GLU A 182 -10.89 13.30 17.20
C GLU A 182 -12.17 12.87 17.89
N MET A 183 -12.11 12.68 19.21
CA MET A 183 -13.30 12.37 20.00
C MET A 183 -14.35 13.49 19.93
N ASP A 184 -13.89 14.75 19.97
CA ASP A 184 -14.81 15.89 19.84
C ASP A 184 -15.53 15.90 18.49
N HIS A 185 -14.81 15.57 17.42
CA HIS A 185 -15.43 15.43 16.09
C HIS A 185 -16.52 14.35 16.09
N TYR A 186 -16.25 13.23 16.76
CA TYR A 186 -17.24 12.15 16.89
C TYR A 186 -18.36 12.49 17.90
N ARG A 187 -18.06 13.31 18.90
CA ARG A 187 -19.07 13.74 19.88
C ARG A 187 -20.10 14.72 19.32
N GLU A 188 -19.68 15.52 18.35
CA GLU A 188 -20.49 16.65 17.85
C GLU A 188 -21.97 16.37 17.57
N PRO A 189 -22.27 15.29 16.82
CA PRO A 189 -23.67 15.03 16.46
C PRO A 189 -24.59 14.67 17.63
N PHE A 190 -24.02 14.27 18.77
CA PHE A 190 -24.79 13.67 19.85
C PHE A 190 -24.65 14.39 21.19
N LEU A 191 -24.45 15.71 21.13
CA LEU A 191 -24.36 16.52 22.35
C LEU A 191 -25.68 16.52 23.11
N ASN A 192 -26.79 16.61 22.38
CA ASN A 192 -28.12 16.51 22.96
C ASN A 192 -28.51 15.04 23.12
N PRO A 193 -28.84 14.59 24.35
CA PRO A 193 -29.23 13.20 24.60
C PRO A 193 -30.35 12.65 23.71
N VAL A 194 -31.30 13.50 23.33
CA VAL A 194 -32.44 13.07 22.49
C VAL A 194 -31.98 12.62 21.11
N ASP A 195 -30.87 13.18 20.62
CA ASP A 195 -30.32 12.84 19.31
C ASP A 195 -29.50 11.54 19.28
N ARG A 196 -29.44 10.82 20.41
CA ARG A 196 -28.63 9.60 20.51
C ARG A 196 -29.43 8.32 20.24
N GLU A 197 -30.58 8.44 19.60
CA GLU A 197 -31.45 7.28 19.33
C GLU A 197 -30.82 6.24 18.41
N PRO A 198 -30.16 6.67 17.32
CA PRO A 198 -29.54 5.70 16.41
C PRO A 198 -28.40 4.91 17.07
N LEU A 199 -27.72 5.53 18.02
CA LEU A 199 -26.61 4.91 18.74
C LEU A 199 -27.06 3.71 19.57
N TRP A 200 -28.29 3.78 20.08
CA TRP A 200 -28.87 2.71 20.87
C TRP A 200 -29.57 1.65 20.00
N ARG A 201 -30.23 2.08 18.93
CA ARG A 201 -30.98 1.16 18.07
C ARG A 201 -30.07 0.20 17.28
N PHE A 202 -28.92 0.70 16.82
CA PHE A 202 -28.00 -0.12 16.02
C PHE A 202 -27.52 -1.40 16.72
N PRO A 203 -27.03 -1.29 17.97
CA PRO A 203 -26.64 -2.52 18.68
C PRO A 203 -27.81 -3.50 18.91
N ASN A 204 -29.02 -2.97 19.06
CA ASN A 204 -30.23 -3.81 19.14
C ASN A 204 -30.59 -4.50 17.82
N GLU A 205 -30.12 -3.95 16.70
CA GLU A 205 -30.35 -4.53 15.37
C GLU A 205 -29.29 -5.58 14.99
N LEU A 206 -28.16 -5.61 15.68
CA LEU A 206 -27.09 -6.56 15.39
C LEU A 206 -27.59 -7.99 15.41
N PRO A 207 -27.31 -8.77 14.34
CA PRO A 207 -27.77 -10.16 14.27
C PRO A 207 -26.93 -11.08 15.16
N ILE A 208 -27.37 -11.24 16.41
CA ILE A 208 -26.63 -12.03 17.41
C ILE A 208 -27.53 -13.14 17.95
N ALA A 209 -27.15 -14.38 17.71
CA ALA A 209 -27.88 -15.57 18.18
C ALA A 209 -29.31 -15.64 17.65
N GLY A 210 -29.48 -15.30 16.37
CA GLY A 210 -30.78 -15.39 15.70
C GLY A 210 -31.69 -14.18 15.86
N GLU A 211 -31.41 -13.31 16.83
CA GLU A 211 -32.26 -12.16 17.12
C GLU A 211 -31.55 -10.84 16.75
N PRO A 212 -32.26 -9.95 16.02
CA PRO A 212 -33.56 -10.13 15.37
C PRO A 212 -33.47 -11.04 14.14
N ALA A 213 -34.54 -11.80 13.89
CA ALA A 213 -34.57 -12.75 12.78
C ALA A 213 -34.62 -12.07 11.41
N ASN A 214 -35.36 -10.96 11.32
CA ASN A 214 -35.47 -10.19 10.08
C ASN A 214 -34.11 -9.65 9.60
N ILE A 215 -33.29 -9.18 10.54
CA ILE A 215 -31.94 -8.70 10.21
C ILE A 215 -31.04 -9.87 9.83
N VAL A 216 -31.12 -10.95 10.59
CA VAL A 216 -30.34 -12.16 10.32
C VAL A 216 -30.61 -12.67 8.91
N ALA A 217 -31.89 -12.79 8.57
CA ALA A 217 -32.30 -13.25 7.24
C ALA A 217 -31.79 -12.31 6.14
N LEU A 218 -31.97 -11.01 6.36
CA LEU A 218 -31.52 -9.98 5.42
C LEU A 218 -30.00 -10.08 5.21
N VAL A 219 -29.26 -10.21 6.30
CA VAL A 219 -27.80 -10.33 6.24
C VAL A 219 -27.41 -11.62 5.53
N GLU A 220 -28.03 -12.73 5.93
CA GLU A 220 -27.81 -14.03 5.28
C GLU A 220 -28.02 -13.97 3.76
N GLU A 221 -29.03 -13.21 3.32
CA GLU A 221 -29.33 -13.07 1.90
C GLU A 221 -28.19 -12.41 1.11
N TYR A 222 -27.66 -11.29 1.59
CA TYR A 222 -26.61 -10.58 0.84
C TYR A 222 -25.24 -11.25 0.92
N MET A 223 -25.02 -12.08 1.94
CA MET A 223 -23.81 -12.89 2.01
C MET A 223 -23.82 -13.98 0.93
N ASP A 224 -24.98 -14.62 0.75
CA ASP A 224 -25.16 -15.61 -0.32
C ASP A 224 -24.88 -14.99 -1.69
N TRP A 225 -25.45 -13.81 -1.92
CA TRP A 225 -25.22 -13.06 -3.16
C TRP A 225 -23.74 -12.77 -3.38
N LEU A 226 -23.05 -12.38 -2.31
CA LEU A 226 -21.63 -12.02 -2.38
C LEU A 226 -20.73 -13.20 -2.74
N HIS A 227 -21.03 -14.37 -2.17
CA HIS A 227 -20.33 -15.61 -2.52
C HIS A 227 -20.52 -15.97 -4.00
N GLN A 228 -21.72 -15.70 -4.52
CA GLN A 228 -22.05 -15.98 -5.92
C GLN A 228 -21.59 -14.88 -6.87
N SER A 229 -21.54 -13.63 -6.39
CA SER A 229 -21.22 -12.47 -7.23
C SER A 229 -19.77 -12.49 -7.71
N PRO A 230 -19.55 -12.27 -9.02
CA PRO A 230 -18.19 -12.14 -9.56
C PRO A 230 -17.63 -10.72 -9.53
N VAL A 231 -18.34 -9.78 -8.88
CA VAL A 231 -17.85 -8.41 -8.74
C VAL A 231 -16.48 -8.37 -8.05
N PRO A 232 -15.58 -7.48 -8.50
CA PRO A 232 -14.27 -7.33 -7.84
C PRO A 232 -14.40 -6.91 -6.38
N LYS A 233 -13.52 -7.44 -5.53
CA LYS A 233 -13.60 -7.22 -4.08
C LYS A 233 -12.24 -6.87 -3.49
N LEU A 234 -12.28 -6.05 -2.42
CA LEU A 234 -11.09 -5.69 -1.66
C LEU A 234 -11.43 -5.73 -0.17
N LEU A 235 -10.91 -6.72 0.53
CA LEU A 235 -11.22 -6.94 1.95
C LEU A 235 -10.05 -6.51 2.84
N PHE A 236 -10.22 -5.40 3.56
CA PHE A 236 -9.25 -4.97 4.55
C PHE A 236 -9.57 -5.62 5.89
N TRP A 237 -8.53 -6.10 6.57
CA TRP A 237 -8.69 -6.76 7.87
C TRP A 237 -7.51 -6.45 8.79
N GLY A 238 -7.74 -6.59 10.09
CA GLY A 238 -6.70 -6.34 11.10
C GLY A 238 -6.71 -7.39 12.19
N THR A 239 -5.66 -7.33 13.03
CA THR A 239 -5.49 -8.28 14.13
C THR A 239 -5.64 -7.53 15.45
N PRO A 240 -6.52 -8.00 16.36
CA PRO A 240 -7.35 -9.21 16.31
C PRO A 240 -8.71 -9.02 15.63
N GLY A 241 -9.02 -7.80 15.18
CA GLY A 241 -10.33 -7.51 14.61
C GLY A 241 -11.41 -7.49 15.68
N VAL A 242 -12.67 -7.37 15.26
CA VAL A 242 -13.81 -7.36 16.17
C VAL A 242 -14.97 -8.17 15.55
N LEU A 243 -15.58 -7.62 14.51
CA LEU A 243 -16.63 -8.34 13.78
C LEU A 243 -16.03 -9.42 12.88
N ILE A 244 -14.81 -9.19 12.40
CA ILE A 244 -14.13 -10.09 11.47
C ILE A 244 -12.72 -10.43 11.97
N PRO A 245 -12.56 -11.58 12.66
CA PRO A 245 -11.22 -11.96 13.10
C PRO A 245 -10.32 -12.42 11.93
N PRO A 246 -9.00 -12.49 12.15
CA PRO A 246 -8.04 -12.78 11.07
C PRO A 246 -8.31 -14.07 10.31
N ALA A 247 -8.75 -15.12 11.01
CA ALA A 247 -9.04 -16.42 10.40
C ALA A 247 -10.23 -16.34 9.45
N GLU A 248 -11.26 -15.60 9.85
CA GLU A 248 -12.44 -15.37 9.02
C GLU A 248 -12.09 -14.59 7.76
N ALA A 249 -11.20 -13.61 7.90
CA ALA A 249 -10.77 -12.78 6.76
C ALA A 249 -10.05 -13.62 5.71
N ALA A 250 -9.10 -14.45 6.15
CA ALA A 250 -8.36 -15.33 5.25
C ALA A 250 -9.27 -16.36 4.57
N ARG A 251 -10.30 -16.81 5.29
CA ARG A 251 -11.29 -17.75 4.76
C ARG A 251 -12.07 -17.14 3.61
N LEU A 252 -12.62 -15.94 3.84
CA LEU A 252 -13.40 -15.22 2.83
C LEU A 252 -12.54 -14.76 1.65
N ALA A 253 -11.27 -14.47 1.90
CA ALA A 253 -10.34 -14.06 0.84
C ALA A 253 -10.22 -15.13 -0.25
N LYS A 254 -10.21 -16.39 0.16
CA LYS A 254 -10.16 -17.53 -0.76
C LYS A 254 -11.54 -17.87 -1.30
N SER A 255 -12.55 -17.80 -0.43
CA SER A 255 -13.91 -18.24 -0.75
C SER A 255 -14.61 -17.29 -1.74
N LEU A 256 -14.54 -16.00 -1.46
CA LEU A 256 -15.20 -14.99 -2.29
C LEU A 256 -14.53 -14.87 -3.66
N PRO A 257 -15.32 -14.87 -4.76
CA PRO A 257 -14.73 -14.70 -6.09
C PRO A 257 -14.12 -13.31 -6.31
N ASN A 258 -12.95 -13.28 -6.93
CA ASN A 258 -12.30 -12.03 -7.33
C ASN A 258 -12.12 -11.10 -6.12
N CYS A 259 -11.36 -11.57 -5.13
CA CYS A 259 -11.23 -10.86 -3.85
C CYS A 259 -9.78 -10.82 -3.37
N LYS A 260 -9.19 -9.63 -3.39
CA LYS A 260 -7.86 -9.41 -2.84
C LYS A 260 -7.98 -8.99 -1.37
N ALA A 261 -7.16 -9.58 -0.50
CA ALA A 261 -7.18 -9.26 0.92
C ALA A 261 -5.97 -8.41 1.28
N VAL A 262 -6.15 -7.47 2.19
CA VAL A 262 -5.07 -6.59 2.63
C VAL A 262 -5.00 -6.55 4.16
N ASP A 263 -3.82 -6.82 4.71
CA ASP A 263 -3.59 -6.79 6.14
C ASP A 263 -3.14 -5.38 6.55
N ILE A 264 -3.96 -4.71 7.36
CA ILE A 264 -3.65 -3.35 7.81
C ILE A 264 -2.70 -3.33 9.01
N GLY A 265 -2.45 -4.49 9.60
CA GLY A 265 -1.64 -4.60 10.81
C GLY A 265 -2.55 -4.72 12.02
N PRO A 266 -2.12 -4.18 13.17
CA PRO A 266 -3.01 -4.12 14.34
C PRO A 266 -4.30 -3.35 14.06
N GLY A 267 -5.43 -3.90 14.49
CA GLY A 267 -6.72 -3.27 14.25
C GLY A 267 -7.86 -3.97 14.95
N LEU A 268 -8.89 -3.21 15.31
CA LEU A 268 -10.08 -3.73 15.96
C LEU A 268 -11.29 -3.54 15.04
N ASN A 269 -12.08 -2.47 15.22
CA ASN A 269 -13.22 -2.20 14.34
C ASN A 269 -12.98 -1.05 13.36
N LEU A 270 -12.55 0.10 13.88
CA LEU A 270 -12.31 1.28 13.04
C LEU A 270 -10.91 1.20 12.40
N LEU A 271 -10.76 0.33 11.42
CA LEU A 271 -9.47 0.12 10.74
C LEU A 271 -8.97 1.40 10.09
N GLN A 272 -9.93 2.19 9.60
CA GLN A 272 -9.66 3.52 9.04
C GLN A 272 -8.84 4.42 9.96
N GLU A 273 -9.01 4.27 11.28
CA GLU A 273 -8.28 5.07 12.26
C GLU A 273 -6.87 4.53 12.58
N ASP A 274 -6.63 3.26 12.33
CA ASP A 274 -5.33 2.65 12.60
C ASP A 274 -4.36 2.67 11.42
N ASN A 275 -4.87 2.54 10.20
CA ASN A 275 -4.01 2.60 9.01
C ASN A 275 -4.72 3.21 7.80
N PRO A 276 -5.05 4.52 7.88
CA PRO A 276 -5.75 5.18 6.77
C PRO A 276 -4.94 5.26 5.47
N ASP A 277 -3.62 5.39 5.57
CA ASP A 277 -2.77 5.52 4.39
C ASP A 277 -2.72 4.24 3.55
N LEU A 278 -2.71 3.09 4.21
CA LEU A 278 -2.69 1.81 3.49
C LEU A 278 -4.03 1.54 2.84
N ILE A 279 -5.11 1.75 3.60
CA ILE A 279 -6.46 1.56 3.08
C ILE A 279 -6.72 2.54 1.91
N GLY A 280 -6.31 3.79 2.10
CA GLY A 280 -6.48 4.82 1.07
C GLY A 280 -5.64 4.58 -0.17
N SER A 281 -4.38 4.23 0.02
CA SER A 281 -3.48 3.99 -1.10
C SER A 281 -3.87 2.74 -1.88
N GLU A 282 -4.23 1.66 -1.17
CA GLU A 282 -4.61 0.41 -1.83
C GLU A 282 -5.93 0.48 -2.59
N ILE A 283 -6.91 1.22 -2.05
CA ILE A 283 -8.16 1.46 -2.77
C ILE A 283 -7.86 2.16 -4.09
N ALA A 284 -7.01 3.19 -4.06
CA ALA A 284 -6.64 3.94 -5.26
C ALA A 284 -5.95 3.06 -6.30
N ARG A 285 -5.03 2.21 -5.85
CA ARG A 285 -4.33 1.28 -6.74
C ARG A 285 -5.30 0.23 -7.28
N TRP A 286 -6.17 -0.27 -6.41
CA TRP A 286 -7.22 -1.23 -6.78
C TRP A 286 -8.21 -0.65 -7.79
N LEU A 287 -8.51 0.65 -7.67
CA LEU A 287 -9.42 1.32 -8.60
C LEU A 287 -8.81 1.48 -9.98
N SER A 288 -7.50 1.73 -10.04
CA SER A 288 -6.80 1.89 -11.31
C SER A 288 -6.65 0.59 -12.10
N THR A 289 -6.85 -0.55 -11.44
CA THR A 289 -6.87 -1.85 -12.12
C THR A 289 -8.26 -2.18 -12.68
N LEU A 290 -9.31 -1.68 -12.03
CA LEU A 290 -10.68 -1.89 -12.50
C LEU A 290 -10.90 -1.20 -13.84
N ILE B 1 38.37 -8.63 -1.99
CA ILE B 1 37.14 -7.77 -2.00
C ILE B 1 36.88 -7.24 -0.59
N GLY B 2 36.87 -5.91 -0.45
CA GLY B 2 36.76 -5.26 0.85
C GLY B 2 35.39 -5.39 1.49
N THR B 3 35.38 -5.68 2.78
CA THR B 3 34.14 -5.83 3.55
C THR B 3 33.77 -4.55 4.31
N GLY B 4 34.65 -3.56 4.29
CA GLY B 4 34.46 -2.32 5.05
C GLY B 4 33.69 -1.25 4.30
N PHE B 5 33.24 -0.24 5.03
CA PHE B 5 32.46 0.86 4.45
C PHE B 5 33.15 2.20 4.77
N PRO B 6 34.28 2.48 4.10
CA PRO B 6 35.05 3.70 4.38
C PRO B 6 34.41 4.94 3.75
N PHE B 7 33.27 5.35 4.30
CA PHE B 7 32.52 6.50 3.80
C PHE B 7 31.85 7.22 4.98
N ASP B 8 32.07 8.53 5.06
CA ASP B 8 31.47 9.34 6.12
C ASP B 8 29.99 9.60 5.79
N PRO B 9 29.10 9.46 6.79
CA PRO B 9 27.67 9.54 6.53
C PRO B 9 27.15 10.96 6.31
N HIS B 10 26.44 11.16 5.20
CA HIS B 10 25.68 12.39 4.97
C HIS B 10 24.21 12.10 5.24
N TYR B 11 23.45 13.17 5.51
CA TYR B 11 22.01 13.05 5.75
C TYR B 11 21.26 14.21 5.09
N VAL B 12 19.98 14.00 4.82
CA VAL B 12 19.13 15.01 4.19
C VAL B 12 17.66 14.64 4.37
N GLU B 13 16.85 15.61 4.80
CA GLU B 13 15.42 15.37 5.02
C GLU B 13 14.66 15.39 3.70
N VAL B 14 13.84 14.35 3.50
CA VAL B 14 13.08 14.17 2.27
C VAL B 14 11.64 13.82 2.66
N LEU B 15 10.72 14.75 2.40
CA LEU B 15 9.30 14.59 2.78
C LEU B 15 9.14 14.32 4.28
N GLY B 16 9.86 15.08 5.09
CA GLY B 16 9.81 14.94 6.55
C GLY B 16 10.44 13.67 7.09
N GLU B 17 11.43 13.15 6.37
CA GLU B 17 12.13 11.91 6.76
C GLU B 17 13.60 11.96 6.34
N ARG B 18 14.49 11.59 7.25
CA ARG B 18 15.93 11.61 6.99
C ARG B 18 16.35 10.41 6.13
N MET B 19 17.28 10.65 5.21
CA MET B 19 17.82 9.60 4.34
C MET B 19 19.34 9.68 4.31
N HIS B 20 20.00 8.54 4.55
CA HIS B 20 21.46 8.45 4.50
C HIS B 20 21.93 8.37 3.05
N TYR B 21 23.10 8.95 2.77
CA TYR B 21 23.73 8.82 1.47
C TYR B 21 25.24 9.06 1.52
N VAL B 22 25.95 8.49 0.56
CA VAL B 22 27.39 8.69 0.39
C VAL B 22 27.61 9.85 -0.57
N ASP B 23 28.64 10.66 -0.32
CA ASP B 23 29.02 11.74 -1.22
C ASP B 23 30.53 11.92 -1.19
N VAL B 24 31.19 11.48 -2.28
CA VAL B 24 32.65 11.53 -2.38
C VAL B 24 33.06 12.00 -3.78
N GLY B 25 34.34 12.32 -3.94
CA GLY B 25 34.88 12.79 -5.22
C GLY B 25 34.71 14.30 -5.38
N PRO B 26 35.14 14.83 -6.54
CA PRO B 26 35.07 16.27 -6.80
C PRO B 26 33.64 16.78 -6.96
N ARG B 27 33.43 18.06 -6.68
CA ARG B 27 32.10 18.68 -6.71
C ARG B 27 31.88 19.51 -7.98
N ASP B 28 32.23 18.95 -9.13
CA ASP B 28 32.04 19.60 -10.42
C ASP B 28 31.96 18.57 -11.53
N GLY B 29 31.12 18.84 -12.53
CA GLY B 29 30.84 17.88 -13.61
C GLY B 29 29.66 17.01 -13.25
N THR B 30 29.13 16.30 -14.26
CA THR B 30 27.97 15.44 -14.08
C THR B 30 28.22 14.39 -12.98
N PRO B 31 27.40 14.42 -11.91
CA PRO B 31 27.56 13.44 -10.83
C PRO B 31 27.01 12.06 -11.17
N VAL B 32 27.53 11.04 -10.48
CA VAL B 32 27.10 9.65 -10.68
C VAL B 32 26.21 9.23 -9.52
N LEU B 33 24.97 8.85 -9.82
CA LEU B 33 24.00 8.45 -8.81
C LEU B 33 23.83 6.94 -8.77
N PHE B 34 24.20 6.33 -7.65
CA PHE B 34 24.16 4.87 -7.48
C PHE B 34 22.90 4.45 -6.73
N LEU B 35 22.06 3.62 -7.35
CA LEU B 35 20.79 3.20 -6.75
C LEU B 35 20.72 1.68 -6.57
N HIS B 36 20.71 1.24 -5.32
CA HIS B 36 20.63 -0.19 -4.98
C HIS B 36 19.18 -0.66 -4.96
N GLY B 37 19.00 -1.97 -4.77
CA GLY B 37 17.67 -2.57 -4.72
C GLY B 37 17.44 -3.44 -3.48
N ASN B 38 16.70 -4.53 -3.68
CA ASN B 38 16.26 -5.39 -2.58
C ASN B 38 17.14 -6.64 -2.46
N PRO B 39 17.58 -7.00 -1.24
CA PRO B 39 17.44 -6.38 0.08
C PRO B 39 18.74 -5.70 0.53
N THR B 40 19.32 -4.88 -0.33
CA THR B 40 20.65 -4.32 -0.11
C THR B 40 20.61 -2.87 0.39
N SER B 41 21.78 -2.26 0.51
CA SER B 41 21.92 -0.84 0.81
C SER B 41 23.03 -0.25 -0.06
N SER B 42 23.43 0.99 0.21
CA SER B 42 24.59 1.59 -0.47
C SER B 42 25.87 0.78 -0.25
N TYR B 43 25.87 -0.07 0.79
CA TYR B 43 26.95 -1.03 1.04
C TYR B 43 27.24 -1.93 -0.17
N VAL B 44 26.25 -2.15 -1.03
CA VAL B 44 26.43 -2.95 -2.24
C VAL B 44 27.36 -2.28 -3.25
N TRP B 45 27.48 -0.95 -3.19
CA TRP B 45 28.37 -0.18 -4.07
C TRP B 45 29.73 0.15 -3.44
N ARG B 46 30.03 -0.43 -2.28
CA ARG B 46 31.22 -0.04 -1.50
C ARG B 46 32.55 -0.21 -2.25
N ASN B 47 32.67 -1.29 -3.04
CA ASN B 47 33.90 -1.58 -3.78
C ASN B 47 33.88 -1.08 -5.22
N ILE B 48 32.80 -0.39 -5.61
CA ILE B 48 32.66 0.16 -6.95
C ILE B 48 32.85 1.67 -6.97
N ILE B 49 32.33 2.37 -5.96
CA ILE B 49 32.46 3.83 -5.86
C ILE B 49 33.92 4.31 -5.87
N PRO B 50 34.83 3.61 -5.17
CA PRO B 50 36.24 4.01 -5.21
C PRO B 50 36.85 4.09 -6.61
N HIS B 51 36.44 3.20 -7.51
CA HIS B 51 36.91 3.25 -8.90
C HIS B 51 36.40 4.47 -9.67
N VAL B 52 35.23 4.97 -9.29
CA VAL B 52 34.58 6.09 -9.98
C VAL B 52 34.86 7.45 -9.31
N ALA B 53 35.24 7.43 -8.04
CA ALA B 53 35.38 8.66 -7.24
C ALA B 53 36.53 9.61 -7.63
N PRO B 54 37.58 9.11 -8.31
CA PRO B 54 38.63 10.03 -8.73
C PRO B 54 38.17 11.19 -9.62
N THR B 55 37.50 10.86 -10.73
CA THR B 55 37.12 11.85 -11.74
C THR B 55 35.66 12.33 -11.64
N HIS B 56 34.86 11.69 -10.78
CA HIS B 56 33.43 11.97 -10.72
C HIS B 56 32.88 12.01 -9.29
N ARG B 57 31.84 12.82 -9.10
CA ARG B 57 31.09 12.86 -7.85
C ARG B 57 30.23 11.60 -7.76
N CYS B 58 30.28 10.92 -6.62
CA CYS B 58 29.55 9.67 -6.42
C CYS B 58 28.52 9.80 -5.31
N ILE B 59 27.25 9.81 -5.69
CA ILE B 59 26.14 9.90 -4.74
C ILE B 59 25.44 8.55 -4.66
N ALA B 60 25.37 7.96 -3.46
CA ALA B 60 24.78 6.65 -3.25
C ALA B 60 23.83 6.65 -2.05
N PRO B 61 22.53 6.95 -2.28
CA PRO B 61 21.57 6.97 -1.18
C PRO B 61 21.08 5.58 -0.75
N ASP B 62 20.70 5.48 0.52
CA ASP B 62 19.93 4.34 1.01
C ASP B 62 18.46 4.67 0.83
N LEU B 63 17.68 3.69 0.35
CA LEU B 63 16.27 3.89 0.04
C LEU B 63 15.49 3.98 1.34
N ILE B 64 14.37 4.72 1.30
CA ILE B 64 13.53 4.89 2.47
C ILE B 64 13.12 3.53 3.03
N GLY B 65 13.33 3.35 4.34
CA GLY B 65 13.05 2.08 4.99
C GLY B 65 14.15 1.03 4.84
N MET B 66 15.32 1.46 4.39
CA MET B 66 16.45 0.55 4.16
C MET B 66 17.78 1.23 4.52
N GLY B 67 18.79 0.41 4.79
CA GLY B 67 20.12 0.90 5.14
C GLY B 67 20.14 1.70 6.43
N LYS B 68 20.73 2.89 6.39
CA LYS B 68 20.75 3.81 7.53
C LYS B 68 19.70 4.92 7.42
N SER B 69 18.85 4.85 6.39
CA SER B 69 17.74 5.80 6.24
C SER B 69 16.63 5.46 7.21
N ASP B 70 15.72 6.42 7.41
CA ASP B 70 14.60 6.24 8.35
C ASP B 70 13.63 5.17 7.88
N LYS B 71 12.90 4.60 8.84
CA LYS B 71 11.95 3.52 8.55
C LYS B 71 10.57 3.85 9.12
N PRO B 72 9.89 4.86 8.55
CA PRO B 72 8.56 5.25 9.01
C PRO B 72 7.48 4.26 8.57
N ASP B 73 6.30 4.38 9.18
CA ASP B 73 5.17 3.50 8.85
C ASP B 73 4.63 3.76 7.45
N LEU B 74 5.04 2.92 6.51
CA LEU B 74 4.50 2.92 5.14
C LEU B 74 4.34 1.48 4.67
N GLY B 75 3.63 1.31 3.55
CA GLY B 75 3.53 0.00 2.89
C GLY B 75 4.77 -0.30 2.05
N TYR B 76 5.55 0.73 1.76
CA TYR B 76 6.77 0.61 0.96
C TYR B 76 6.49 0.01 -0.42
N PHE B 77 5.46 0.53 -1.07
CA PHE B 77 5.15 0.17 -2.45
C PHE B 77 6.18 0.84 -3.34
N PHE B 78 6.24 0.45 -4.61
CA PHE B 78 7.15 1.09 -5.55
C PHE B 78 6.84 2.58 -5.70
N ASP B 79 5.55 2.91 -5.64
CA ASP B 79 5.09 4.30 -5.69
C ASP B 79 5.69 5.14 -4.57
N ASP B 80 5.85 4.54 -3.40
CA ASP B 80 6.44 5.24 -2.24
C ASP B 80 7.94 5.49 -2.43
N HIS B 81 8.66 4.46 -2.92
CA HIS B 81 10.09 4.61 -3.22
C HIS B 81 10.33 5.65 -4.31
N VAL B 82 9.47 5.66 -5.32
CA VAL B 82 9.51 6.67 -6.38
C VAL B 82 9.36 8.08 -5.80
N ARG B 83 8.39 8.23 -4.90
CA ARG B 83 8.07 9.52 -4.29
C ARG B 83 9.23 10.07 -3.45
N PHE B 84 9.87 9.20 -2.67
CA PHE B 84 11.00 9.61 -1.83
C PHE B 84 12.30 9.82 -2.62
N MET B 85 12.53 9.01 -3.65
CA MET B 85 13.72 9.15 -4.49
C MET B 85 13.63 10.39 -5.38
N ASP B 86 12.42 10.74 -5.81
CA ASP B 86 12.18 11.98 -6.55
C ASP B 86 12.60 13.19 -5.72
N ALA B 87 12.11 13.25 -4.48
CA ALA B 87 12.37 14.37 -3.58
C ALA B 87 13.81 14.38 -3.03
N PHE B 88 14.45 13.20 -2.99
CA PHE B 88 15.86 13.12 -2.61
C PHE B 88 16.74 13.84 -3.62
N ILE B 89 16.44 13.64 -4.91
CA ILE B 89 17.17 14.27 -5.99
C ILE B 89 16.98 15.79 -6.00
N GLU B 90 15.77 16.24 -5.67
CA GLU B 90 15.48 17.67 -5.55
C GLU B 90 16.14 18.30 -4.33
N ALA B 91 16.26 17.52 -3.25
CA ALA B 91 16.91 17.99 -2.03
C ALA B 91 18.39 18.32 -2.28
N LEU B 92 19.07 17.46 -3.03
CA LEU B 92 20.47 17.69 -3.42
C LEU B 92 20.59 18.80 -4.47
N GLY B 93 19.53 18.98 -5.26
CA GLY B 93 19.51 20.02 -6.29
C GLY B 93 20.28 19.60 -7.53
N LEU B 94 20.14 18.34 -7.91
CA LEU B 94 20.84 17.79 -9.06
C LEU B 94 20.15 18.22 -10.35
N GLU B 95 20.90 18.27 -11.44
CA GLU B 95 20.38 18.71 -12.73
C GLU B 95 20.54 17.62 -13.77
N GLU B 96 21.79 17.26 -14.06
CA GLU B 96 22.10 16.16 -14.97
C GLU B 96 22.82 15.08 -14.16
N VAL B 97 22.58 13.82 -14.49
CA VAL B 97 23.16 12.71 -13.74
C VAL B 97 23.58 11.54 -14.62
N VAL B 98 24.53 10.75 -14.11
CA VAL B 98 24.82 9.44 -14.66
C VAL B 98 24.25 8.43 -13.66
N LEU B 99 23.39 7.54 -14.15
CA LEU B 99 22.74 6.56 -13.28
C LEU B 99 23.51 5.24 -13.30
N VAL B 100 23.81 4.73 -12.10
CA VAL B 100 24.38 3.39 -11.93
C VAL B 100 23.40 2.62 -11.06
N ILE B 101 22.67 1.68 -11.66
CA ILE B 101 21.47 1.14 -11.04
C ILE B 101 21.37 -0.39 -11.13
N HIS B 102 20.64 -0.96 -10.18
CA HIS B 102 20.56 -2.41 -10.03
C HIS B 102 19.28 -2.83 -9.33
N ASP B 103 18.66 -3.92 -9.82
CA ASP B 103 17.48 -4.52 -9.19
C ASP B 103 16.31 -3.50 -9.11
N TRP B 104 15.80 -3.18 -7.91
CA TRP B 104 14.72 -2.20 -7.78
C TRP B 104 15.23 -0.77 -7.91
N GLY B 105 16.52 -0.58 -7.68
CA GLY B 105 17.17 0.69 -8.00
C GLY B 105 17.10 1.01 -9.48
N SER B 106 17.12 -0.04 -10.31
CA SER B 106 16.98 0.13 -11.76
C SER B 106 15.58 0.54 -12.17
N ALA B 107 14.57 -0.03 -11.51
CA ALA B 107 13.19 0.36 -11.73
C ALA B 107 13.00 1.84 -11.41
N LEU B 108 13.53 2.27 -10.27
CA LEU B 108 13.51 3.68 -9.87
C LEU B 108 14.30 4.55 -10.85
N GLY B 109 15.46 4.05 -11.28
CA GLY B 109 16.32 4.78 -12.21
C GLY B 109 15.72 4.98 -13.58
N PHE B 110 15.32 3.89 -14.23
CA PHE B 110 14.73 3.95 -15.57
C PHE B 110 13.43 4.77 -15.59
N HIS B 111 12.60 4.60 -14.56
CA HIS B 111 11.35 5.35 -14.43
C HIS B 111 11.59 6.85 -14.28
N TRP B 112 12.65 7.20 -13.56
CA TRP B 112 13.07 8.60 -13.41
C TRP B 112 13.62 9.14 -14.72
N ALA B 113 14.40 8.31 -15.42
CA ALA B 113 14.97 8.68 -16.72
C ALA B 113 13.88 8.87 -17.79
N LYS B 114 12.85 8.02 -17.75
CA LYS B 114 11.73 8.14 -18.69
C LYS B 114 11.01 9.48 -18.51
N ARG B 115 10.80 9.89 -17.27
CA ARG B 115 10.12 11.15 -16.97
C ARG B 115 11.03 12.36 -17.16
N ASN B 116 12.35 12.16 -17.07
CA ASN B 116 13.32 13.25 -17.17
C ASN B 116 14.52 12.90 -18.05
N PRO B 117 14.29 12.64 -19.35
CA PRO B 117 15.37 12.16 -20.23
C PRO B 117 16.51 13.17 -20.45
N GLU B 118 16.16 14.45 -20.57
CA GLU B 118 17.15 15.52 -20.74
C GLU B 118 18.14 15.64 -19.57
N ARG B 119 17.83 15.01 -18.44
CA ARG B 119 18.64 15.08 -17.24
C ARG B 119 19.56 13.86 -17.04
N VAL B 120 19.59 12.95 -18.01
CA VAL B 120 20.41 11.74 -17.90
C VAL B 120 21.46 11.71 -19.02
N LYS B 121 22.73 11.84 -18.64
CA LYS B 121 23.85 11.80 -19.59
C LYS B 121 24.39 10.38 -19.81
N GLY B 122 23.89 9.41 -19.03
CA GLY B 122 24.31 8.03 -19.18
C GLY B 122 23.66 7.11 -18.16
N ILE B 123 23.46 5.85 -18.52
CA ILE B 123 22.94 4.84 -17.60
C ILE B 123 23.80 3.59 -17.64
N ALA B 124 24.40 3.25 -16.50
CA ALA B 124 25.06 1.96 -16.32
C ALA B 124 24.11 1.11 -15.50
N PHE B 125 23.86 -0.12 -15.96
CA PHE B 125 22.88 -0.99 -15.31
C PHE B 125 23.27 -2.45 -15.37
N MET B 126 22.63 -3.23 -14.51
CA MET B 126 22.97 -4.63 -14.33
C MET B 126 21.83 -5.32 -13.57
N GLU B 127 21.54 -6.56 -13.95
CA GLU B 127 20.53 -7.36 -13.27
C GLU B 127 19.33 -6.51 -12.87
N PHE B 128 18.70 -5.94 -13.89
CA PHE B 128 17.66 -4.94 -13.72
C PHE B 128 16.29 -5.58 -13.88
N ILE B 129 15.26 -4.85 -13.45
CA ILE B 129 13.91 -5.37 -13.45
C ILE B 129 13.24 -5.19 -14.81
N ARG B 130 12.75 -6.31 -15.35
CA ARG B 130 11.99 -6.34 -16.60
C ARG B 130 10.75 -7.18 -16.38
N PRO B 131 9.77 -7.12 -17.31
CA PRO B 131 8.58 -7.93 -17.13
C PRO B 131 8.88 -9.42 -17.32
N ILE B 132 8.52 -10.23 -16.33
CA ILE B 132 8.67 -11.68 -16.42
C ILE B 132 7.35 -12.26 -16.92
N PRO B 133 7.32 -12.75 -18.18
CA PRO B 133 6.05 -13.18 -18.80
C PRO B 133 5.28 -14.26 -18.02
N THR B 134 5.94 -15.38 -17.74
CA THR B 134 5.30 -16.52 -17.07
C THR B 134 6.22 -17.19 -16.05
N TRP B 135 5.61 -17.95 -15.15
CA TRP B 135 6.32 -18.62 -14.05
C TRP B 135 7.18 -19.80 -14.50
N ASP B 136 6.75 -20.52 -15.53
CA ASP B 136 7.47 -21.73 -15.96
C ASP B 136 8.77 -21.44 -16.73
N GLU B 137 9.06 -20.17 -16.99
CA GLU B 137 10.40 -19.76 -17.44
C GLU B 137 11.43 -19.87 -16.32
N TRP B 138 10.97 -19.86 -15.07
CA TRP B 138 11.85 -20.01 -13.90
C TRP B 138 12.34 -21.45 -13.81
N PRO B 139 13.49 -21.66 -13.14
CA PRO B 139 13.77 -22.98 -12.57
C PRO B 139 12.69 -23.36 -11.55
N GLU B 140 12.51 -24.66 -11.33
CA GLU B 140 11.32 -25.17 -10.64
C GLU B 140 11.23 -24.79 -9.15
N PHE B 141 12.35 -24.91 -8.43
CA PHE B 141 12.37 -24.59 -6.99
C PHE B 141 12.24 -23.09 -6.73
N ALA B 142 12.88 -22.28 -7.58
CA ALA B 142 12.82 -20.82 -7.45
C ALA B 142 11.40 -20.30 -7.64
N ARG B 143 10.69 -20.87 -8.61
CA ARG B 143 9.28 -20.57 -8.85
C ARG B 143 8.46 -20.80 -7.57
N GLU B 144 8.60 -22.00 -7.00
CA GLU B 144 7.89 -22.37 -5.77
C GLU B 144 8.21 -21.42 -4.61
N THR B 145 9.47 -21.01 -4.52
CA THR B 145 9.94 -20.14 -3.45
C THR B 145 9.36 -18.72 -3.57
N PHE B 146 9.28 -18.20 -4.79
CA PHE B 146 8.76 -16.85 -5.03
C PHE B 146 7.23 -16.80 -5.16
N GLN B 147 6.62 -17.88 -5.63
CA GLN B 147 5.17 -18.02 -5.57
C GLN B 147 4.71 -18.04 -4.11
N ALA B 148 5.52 -18.66 -3.25
CA ALA B 148 5.28 -18.66 -1.81
C ALA B 148 5.43 -17.25 -1.22
N PHE B 149 6.47 -16.53 -1.64
CA PHE B 149 6.70 -15.15 -1.18
C PHE B 149 5.53 -14.24 -1.49
N ARG B 150 4.87 -14.46 -2.63
CA ARG B 150 3.79 -13.59 -3.08
C ARG B 150 2.42 -14.02 -2.52
N THR B 151 2.34 -14.13 -1.20
CA THR B 151 1.08 -14.43 -0.50
C THR B 151 1.08 -13.76 0.87
N THR B 152 -0.08 -13.75 1.52
CA THR B 152 -0.25 -13.09 2.82
C THR B 152 0.32 -13.94 3.97
N ASP B 153 -0.16 -15.17 4.07
CA ASP B 153 0.18 -16.02 5.22
C ASP B 153 1.59 -16.62 5.10
N VAL B 154 1.81 -17.39 4.04
CA VAL B 154 3.07 -18.10 3.86
C VAL B 154 4.21 -17.14 3.53
N GLY B 155 3.92 -16.18 2.65
CA GLY B 155 4.92 -15.21 2.20
C GLY B 155 5.49 -14.34 3.31
N ARG B 156 4.62 -13.81 4.15
CA ARG B 156 5.06 -12.96 5.27
C ARG B 156 5.72 -13.77 6.38
N LYS B 157 5.30 -15.02 6.55
CA LYS B 157 5.95 -15.91 7.53
C LYS B 157 7.40 -16.18 7.15
N LEU B 158 7.63 -16.47 5.87
CA LEU B 158 8.98 -16.71 5.35
C LEU B 158 9.85 -15.45 5.43
N ILE B 159 9.32 -14.33 4.92
CA ILE B 159 10.12 -13.11 4.75
C ILE B 159 10.17 -12.23 6.01
N ILE B 160 9.02 -11.96 6.64
CA ILE B 160 8.96 -11.07 7.79
C ILE B 160 9.45 -11.75 9.08
N ASP B 161 8.92 -12.93 9.37
CA ASP B 161 9.22 -13.63 10.62
C ASP B 161 10.53 -14.42 10.53
N GLN B 162 10.65 -15.26 9.51
CA GLN B 162 11.82 -16.14 9.35
C GLN B 162 12.94 -15.53 8.48
N ASN B 163 12.80 -14.25 8.16
CA ASN B 163 13.79 -13.48 7.36
C ASN B 163 14.62 -14.30 6.35
N VAL B 164 13.93 -15.07 5.52
CA VAL B 164 14.61 -15.87 4.49
C VAL B 164 15.26 -15.00 3.41
N PHE B 165 14.70 -13.83 3.16
CA PHE B 165 15.20 -12.95 2.09
C PHE B 165 16.59 -12.41 2.40
N ILE B 166 16.82 -12.01 3.65
CA ILE B 166 18.14 -11.54 4.09
C ILE B 166 19.09 -12.70 4.31
N GLU B 167 18.68 -13.66 5.16
CA GLU B 167 19.57 -14.74 5.57
C GLU B 167 19.80 -15.79 4.47
N GLY B 168 18.87 -15.91 3.54
CA GLY B 168 18.93 -16.95 2.51
C GLY B 168 18.97 -16.45 1.08
N THR B 169 17.94 -15.70 0.68
CA THR B 169 17.82 -15.24 -0.72
C THR B 169 18.96 -14.30 -1.12
N LEU B 170 19.43 -13.48 -0.18
CA LEU B 170 20.55 -12.56 -0.43
C LEU B 170 21.85 -13.30 -0.79
N PRO B 171 22.33 -14.22 0.07
CA PRO B 171 23.52 -14.99 -0.31
C PRO B 171 23.34 -15.87 -1.56
N MET B 172 22.11 -16.32 -1.81
CA MET B 172 21.81 -17.08 -3.03
C MET B 172 21.97 -16.26 -4.31
N GLY B 173 21.95 -14.93 -4.19
CA GLY B 173 22.17 -14.03 -5.33
C GLY B 173 23.63 -13.69 -5.61
N VAL B 174 24.55 -14.30 -4.87
CA VAL B 174 25.99 -14.13 -5.09
C VAL B 174 26.62 -15.51 -5.33
N VAL B 175 27.54 -15.58 -6.29
CA VAL B 175 28.21 -16.84 -6.63
C VAL B 175 29.16 -17.24 -5.50
N ARG B 176 30.07 -16.34 -5.15
CA ARG B 176 30.99 -16.57 -4.03
C ARG B 176 30.21 -16.48 -2.71
N PRO B 177 30.69 -17.17 -1.67
CA PRO B 177 30.01 -17.10 -0.38
C PRO B 177 30.33 -15.81 0.36
N LEU B 178 29.30 -15.06 0.74
CA LEU B 178 29.50 -13.83 1.49
C LEU B 178 30.10 -14.14 2.86
N THR B 179 31.02 -13.28 3.32
CA THR B 179 31.66 -13.45 4.61
C THR B 179 30.70 -13.01 5.73
N GLU B 180 31.01 -13.42 6.96
CA GLU B 180 30.18 -13.08 8.12
C GLU B 180 30.10 -11.57 8.37
N VAL B 181 31.20 -10.87 8.07
CA VAL B 181 31.24 -9.41 8.22
C VAL B 181 30.29 -8.76 7.21
N GLU B 182 30.34 -9.23 5.96
CA GLU B 182 29.49 -8.70 4.90
C GLU B 182 28.00 -8.87 5.19
N MET B 183 27.63 -10.03 5.73
CA MET B 183 26.25 -10.28 6.15
C MET B 183 25.83 -9.37 7.29
N ASP B 184 26.74 -9.10 8.22
CA ASP B 184 26.47 -8.18 9.34
C ASP B 184 26.14 -6.77 8.86
N HIS B 185 26.83 -6.31 7.81
CA HIS B 185 26.53 -5.00 7.20
C HIS B 185 25.13 -4.98 6.59
N TYR B 186 24.73 -6.08 5.96
CA TYR B 186 23.38 -6.22 5.40
C TYR B 186 22.33 -6.46 6.49
N ARG B 187 22.76 -6.99 7.64
CA ARG B 187 21.86 -7.24 8.78
C ARG B 187 21.55 -5.99 9.59
N GLU B 188 22.54 -5.11 9.75
CA GLU B 188 22.42 -3.91 10.61
C GLU B 188 21.07 -3.17 10.52
N PRO B 189 20.54 -2.98 9.30
CA PRO B 189 19.22 -2.33 9.18
C PRO B 189 18.04 -3.17 9.67
N PHE B 190 18.02 -4.46 9.32
CA PHE B 190 16.84 -5.31 9.53
C PHE B 190 16.95 -6.23 10.75
N LEU B 191 16.92 -5.64 11.95
CA LEU B 191 16.87 -6.41 13.19
C LEU B 191 15.42 -6.68 13.58
N ASN B 192 14.63 -5.61 13.70
CA ASN B 192 13.22 -5.70 14.05
C ASN B 192 12.40 -6.24 12.88
N PRO B 193 11.68 -7.36 13.07
CA PRO B 193 10.82 -7.91 12.01
C PRO B 193 9.77 -6.93 11.46
N VAL B 194 9.29 -6.01 12.29
CA VAL B 194 8.30 -5.02 11.85
C VAL B 194 8.87 -4.08 10.80
N ASP B 195 10.19 -3.86 10.82
CA ASP B 195 10.86 -3.04 9.81
C ASP B 195 11.47 -3.87 8.68
N ARG B 196 10.80 -4.95 8.31
CA ARG B 196 11.17 -5.75 7.13
C ARG B 196 10.05 -5.70 6.08
N GLU B 197 9.20 -4.68 6.17
CA GLU B 197 8.07 -4.52 5.25
C GLU B 197 8.51 -4.39 3.79
N PRO B 198 9.53 -3.56 3.50
CA PRO B 198 9.97 -3.44 2.10
C PRO B 198 10.58 -4.72 1.53
N LEU B 199 11.15 -5.56 2.38
CA LEU B 199 11.72 -6.83 1.95
C LEU B 199 10.66 -7.82 1.45
N TRP B 200 9.43 -7.68 1.97
CA TRP B 200 8.30 -8.51 1.53
C TRP B 200 7.52 -7.88 0.38
N ARG B 201 7.35 -6.56 0.42
CA ARG B 201 6.58 -5.86 -0.61
C ARG B 201 7.26 -5.90 -1.98
N PHE B 202 8.58 -5.74 -1.99
CA PHE B 202 9.34 -5.73 -3.26
C PHE B 202 9.10 -6.98 -4.13
N PRO B 203 9.27 -8.19 -3.55
CA PRO B 203 8.98 -9.38 -4.34
C PRO B 203 7.52 -9.51 -4.79
N ASN B 204 6.59 -8.95 -4.00
CA ASN B 204 5.19 -8.86 -4.43
C ASN B 204 4.98 -7.83 -5.54
N GLU B 205 5.77 -6.76 -5.52
CA GLU B 205 5.71 -5.74 -6.57
C GLU B 205 6.35 -6.19 -7.89
N LEU B 206 7.17 -7.23 -7.87
CA LEU B 206 7.82 -7.74 -9.07
C LEU B 206 6.80 -8.02 -10.18
N PRO B 207 7.07 -7.54 -11.40
CA PRO B 207 6.13 -7.73 -12.51
C PRO B 207 6.18 -9.16 -13.05
N ILE B 208 5.51 -10.08 -12.35
CA ILE B 208 5.47 -11.49 -12.72
C ILE B 208 4.02 -11.89 -12.98
N ALA B 209 3.77 -12.48 -14.15
CA ALA B 209 2.46 -13.01 -14.51
C ALA B 209 1.33 -11.97 -14.40
N GLY B 210 1.59 -10.77 -14.89
CA GLY B 210 0.57 -9.72 -14.97
C GLY B 210 0.28 -8.95 -13.68
N GLU B 211 0.75 -9.46 -12.54
CA GLU B 211 0.47 -8.82 -11.25
C GLU B 211 1.76 -8.30 -10.61
N PRO B 212 1.76 -7.06 -10.10
CA PRO B 212 0.71 -6.04 -10.21
C PRO B 212 0.64 -5.44 -11.62
N ALA B 213 -0.55 -5.03 -12.03
CA ALA B 213 -0.75 -4.47 -13.38
C ALA B 213 -0.09 -3.10 -13.53
N ASN B 214 -0.24 -2.25 -12.51
CA ASN B 214 0.38 -0.92 -12.50
C ASN B 214 1.91 -0.96 -12.64
N ILE B 215 2.54 -1.95 -12.02
CA ILE B 215 4.00 -2.10 -12.08
C ILE B 215 4.42 -2.65 -13.44
N VAL B 216 3.74 -3.70 -13.89
CA VAL B 216 4.03 -4.31 -15.19
C VAL B 216 3.92 -3.27 -16.31
N ALA B 217 2.87 -2.45 -16.25
CA ALA B 217 2.69 -1.36 -17.21
C ALA B 217 3.83 -0.35 -17.12
N LEU B 218 4.14 0.06 -15.90
CA LEU B 218 5.24 1.02 -15.65
C LEU B 218 6.58 0.53 -16.19
N VAL B 219 6.86 -0.77 -16.01
CA VAL B 219 8.12 -1.36 -16.47
C VAL B 219 8.17 -1.43 -18.00
N GLU B 220 7.07 -1.85 -18.62
CA GLU B 220 6.96 -1.87 -20.07
C GLU B 220 7.17 -0.48 -20.67
N GLU B 221 6.70 0.55 -19.97
CA GLU B 221 6.81 1.93 -20.43
C GLU B 221 8.26 2.43 -20.50
N TYR B 222 9.03 2.23 -19.43
CA TYR B 222 10.44 2.69 -19.43
C TYR B 222 11.34 1.81 -20.30
N MET B 223 10.98 0.54 -20.48
CA MET B 223 11.70 -0.35 -21.40
C MET B 223 11.48 0.07 -22.84
N ASP B 224 10.26 0.50 -23.16
CA ASP B 224 9.97 1.08 -24.49
C ASP B 224 10.75 2.38 -24.68
N TRP B 225 10.78 3.21 -23.64
CA TRP B 225 11.57 4.45 -23.66
C TRP B 225 13.06 4.15 -23.84
N LEU B 226 13.55 3.10 -23.17
CA LEU B 226 14.96 2.72 -23.27
C LEU B 226 15.31 2.20 -24.66
N HIS B 227 14.39 1.49 -25.31
CA HIS B 227 14.61 1.00 -26.68
C HIS B 227 14.68 2.14 -27.71
N GLN B 228 14.06 3.27 -27.41
CA GLN B 228 14.09 4.45 -28.27
C GLN B 228 15.18 5.46 -27.90
N SER B 229 15.47 5.57 -26.60
CA SER B 229 16.40 6.59 -26.10
C SER B 229 17.81 6.45 -26.70
N PRO B 230 18.46 7.59 -27.01
CA PRO B 230 19.84 7.58 -27.51
C PRO B 230 20.89 7.73 -26.42
N VAL B 231 20.47 7.75 -25.15
CA VAL B 231 21.37 7.91 -24.02
C VAL B 231 22.46 6.82 -24.01
N PRO B 232 23.71 7.18 -23.63
CA PRO B 232 24.76 6.15 -23.51
C PRO B 232 24.40 5.08 -22.49
N LYS B 233 24.58 3.82 -22.87
CA LYS B 233 24.24 2.68 -22.02
C LYS B 233 25.43 1.77 -21.80
N LEU B 234 25.53 1.24 -20.58
CA LEU B 234 26.56 0.26 -20.22
C LEU B 234 25.91 -0.89 -19.45
N LEU B 235 25.78 -2.04 -20.09
CA LEU B 235 25.16 -3.22 -19.48
C LEU B 235 26.20 -4.21 -18.96
N PHE B 236 26.13 -4.52 -17.67
CA PHE B 236 26.94 -5.58 -17.08
C PHE B 236 26.10 -6.84 -16.92
N TRP B 237 26.70 -8.00 -17.20
CA TRP B 237 26.00 -9.27 -17.08
C TRP B 237 26.96 -10.39 -16.70
N GLY B 238 26.40 -11.45 -16.12
CA GLY B 238 27.17 -12.63 -15.70
C GLY B 238 26.49 -13.93 -16.10
N THR B 239 27.19 -15.03 -15.88
CA THR B 239 26.70 -16.37 -16.20
C THR B 239 26.53 -17.18 -14.92
N PRO B 240 25.37 -17.83 -14.73
CA PRO B 240 24.21 -17.89 -15.62
C PRO B 240 23.27 -16.69 -15.51
N GLY B 241 23.54 -15.78 -14.57
CA GLY B 241 22.66 -14.66 -14.32
C GLY B 241 21.38 -15.11 -13.65
N VAL B 242 20.46 -14.18 -13.45
CA VAL B 242 19.18 -14.49 -12.83
C VAL B 242 18.04 -13.77 -13.55
N LEU B 243 17.93 -12.46 -13.34
CA LEU B 243 16.91 -11.66 -14.02
C LEU B 243 17.26 -11.48 -15.51
N ILE B 244 18.55 -11.43 -15.82
CA ILE B 244 19.02 -11.24 -17.19
C ILE B 244 20.03 -12.34 -17.57
N PRO B 245 19.56 -13.41 -18.25
CA PRO B 245 20.47 -14.44 -18.74
C PRO B 245 21.39 -13.96 -19.87
N PRO B 246 22.50 -14.68 -20.12
CA PRO B 246 23.45 -14.35 -21.20
C PRO B 246 22.79 -14.11 -22.56
N ALA B 247 21.79 -14.92 -22.90
CA ALA B 247 21.04 -14.77 -24.14
C ALA B 247 20.25 -13.46 -24.17
N GLU B 248 19.65 -13.11 -23.03
CA GLU B 248 18.92 -11.84 -22.90
C GLU B 248 19.88 -10.64 -22.94
N ALA B 249 21.06 -10.79 -22.35
CA ALA B 249 22.07 -9.73 -22.36
C ALA B 249 22.58 -9.49 -23.78
N ALA B 250 22.84 -10.57 -24.51
CA ALA B 250 23.25 -10.49 -25.91
C ALA B 250 22.13 -9.89 -26.77
N ARG B 251 20.88 -10.25 -26.45
CA ARG B 251 19.70 -9.69 -27.12
C ARG B 251 19.58 -8.18 -26.90
N LEU B 252 19.80 -7.73 -25.67
CA LEU B 252 19.71 -6.32 -25.32
C LEU B 252 20.93 -5.51 -25.78
N ALA B 253 22.10 -6.13 -25.78
CA ALA B 253 23.34 -5.47 -26.19
C ALA B 253 23.29 -4.94 -27.64
N LYS B 254 22.57 -5.65 -28.50
CA LYS B 254 22.45 -5.27 -29.91
C LYS B 254 21.21 -4.39 -30.16
N SER B 255 20.10 -4.71 -29.50
CA SER B 255 18.83 -4.02 -29.75
C SER B 255 18.76 -2.63 -29.13
N LEU B 256 19.36 -2.46 -27.94
CA LEU B 256 19.35 -1.16 -27.26
C LEU B 256 20.27 -0.17 -27.99
N PRO B 257 19.79 1.07 -28.24
CA PRO B 257 20.63 2.06 -28.89
C PRO B 257 21.81 2.51 -28.03
N ASN B 258 22.99 2.65 -28.67
CA ASN B 258 24.16 3.24 -28.03
C ASN B 258 24.58 2.50 -26.74
N CYS B 259 24.67 1.17 -26.85
CA CYS B 259 24.88 0.31 -25.68
C CYS B 259 26.15 -0.54 -25.79
N LYS B 260 26.96 -0.52 -24.74
CA LYS B 260 28.13 -1.39 -24.61
C LYS B 260 27.81 -2.48 -23.58
N ALA B 261 28.26 -3.70 -23.84
CA ALA B 261 28.01 -4.84 -22.96
C ALA B 261 29.31 -5.41 -22.42
N VAL B 262 29.33 -5.77 -21.13
CA VAL B 262 30.53 -6.30 -20.49
C VAL B 262 30.21 -7.58 -19.71
N ASP B 263 30.88 -8.67 -20.10
CA ASP B 263 30.79 -9.94 -19.39
C ASP B 263 31.66 -9.88 -18.14
N ILE B 264 31.03 -10.01 -16.97
CA ILE B 264 31.78 -10.00 -15.71
C ILE B 264 32.27 -11.38 -15.29
N GLY B 265 31.92 -12.41 -16.06
CA GLY B 265 32.26 -13.78 -15.73
C GLY B 265 31.14 -14.41 -14.91
N PRO B 266 31.48 -15.27 -13.95
CA PRO B 266 30.47 -15.88 -13.07
C PRO B 266 29.66 -14.83 -12.29
N GLY B 267 28.33 -14.99 -12.28
CA GLY B 267 27.46 -14.05 -11.57
C GLY B 267 26.00 -14.48 -11.54
N LEU B 268 25.29 -14.02 -10.51
CA LEU B 268 23.86 -14.30 -10.36
C LEU B 268 23.06 -12.99 -10.40
N ASN B 269 22.79 -12.39 -9.24
CA ASN B 269 22.11 -11.08 -9.20
C ASN B 269 23.03 -9.96 -8.73
N LEU B 270 23.58 -10.08 -7.53
CA LEU B 270 24.54 -9.10 -7.01
C LEU B 270 25.88 -9.25 -7.73
N LEU B 271 25.94 -8.76 -8.96
CA LEU B 271 27.16 -8.83 -9.76
C LEU B 271 28.29 -8.03 -9.10
N GLN B 272 27.89 -6.97 -8.39
CA GLN B 272 28.81 -6.12 -7.62
C GLN B 272 29.68 -6.93 -6.63
N GLU B 273 29.09 -7.97 -6.03
CA GLU B 273 29.80 -8.74 -5.02
C GLU B 273 30.79 -9.75 -5.59
N ASP B 274 30.60 -10.16 -6.84
CA ASP B 274 31.48 -11.15 -7.48
C ASP B 274 32.66 -10.51 -8.22
N ASN B 275 32.44 -9.38 -8.88
CA ASN B 275 33.49 -8.70 -9.64
C ASN B 275 33.34 -7.18 -9.61
N PRO B 276 33.49 -6.57 -8.42
CA PRO B 276 33.37 -5.12 -8.29
C PRO B 276 34.50 -4.35 -8.97
N ASP B 277 35.67 -4.97 -9.08
CA ASP B 277 36.84 -4.32 -9.69
C ASP B 277 36.63 -4.04 -11.17
N LEU B 278 36.09 -5.02 -11.89
CA LEU B 278 35.79 -4.86 -13.31
C LEU B 278 34.63 -3.89 -13.52
N ILE B 279 33.59 -4.01 -12.70
CA ILE B 279 32.42 -3.13 -12.83
C ILE B 279 32.81 -1.67 -12.64
N GLY B 280 33.51 -1.39 -11.55
CA GLY B 280 33.99 -0.04 -11.25
C GLY B 280 34.93 0.51 -12.30
N SER B 281 35.86 -0.32 -12.77
CA SER B 281 36.86 0.10 -13.76
C SER B 281 36.24 0.36 -15.13
N GLU B 282 35.31 -0.50 -15.53
CA GLU B 282 34.61 -0.35 -16.82
C GLU B 282 33.69 0.88 -16.82
N ILE B 283 33.11 1.21 -15.67
CA ILE B 283 32.33 2.46 -15.54
C ILE B 283 33.24 3.68 -15.70
N ALA B 284 34.44 3.61 -15.13
CA ALA B 284 35.44 4.67 -15.30
C ALA B 284 35.90 4.80 -16.76
N ARG B 285 36.22 3.67 -17.39
CA ARG B 285 36.60 3.66 -18.81
C ARG B 285 35.47 4.18 -19.70
N TRP B 286 34.25 3.79 -19.38
CA TRP B 286 33.05 4.21 -20.10
C TRP B 286 32.81 5.72 -19.98
N LEU B 287 32.88 6.24 -18.76
CA LEU B 287 32.69 7.68 -18.53
C LEU B 287 33.75 8.51 -19.26
N SER B 288 35.01 8.13 -19.09
CA SER B 288 36.14 8.87 -19.69
C SER B 288 36.00 8.97 -21.21
N THR B 289 35.59 7.88 -21.86
CA THR B 289 35.36 7.86 -23.31
C THR B 289 34.21 8.77 -23.74
N LEU B 290 33.18 8.89 -22.89
CA LEU B 290 32.07 9.80 -23.16
C LEU B 290 32.48 11.27 -23.01
N GLU B 291 33.36 11.54 -22.05
CA GLU B 291 33.87 12.90 -21.83
C GLU B 291 34.66 13.36 -23.05
N ILE B 292 35.48 12.46 -23.60
CA ILE B 292 36.29 12.76 -24.79
C ILE B 292 35.41 12.92 -26.04
N SER B 293 34.33 12.15 -26.11
CA SER B 293 33.36 12.29 -27.20
C SER B 293 32.73 13.69 -27.23
N GLY B 294 32.48 14.25 -26.05
CA GLY B 294 32.12 15.66 -25.92
C GLY B 294 33.38 16.49 -26.06
N LEU B 295 33.46 17.31 -27.11
CA LEU B 295 34.73 17.94 -27.50
C LEU B 295 34.56 19.25 -28.23
#